data_5R5Q
#
_entry.id   5R5Q
#
_cell.length_a   49.560
_cell.length_b   52.410
_cell.length_c   101.810
_cell.angle_alpha   90.000
_cell.angle_beta   90.000
_cell.angle_gamma   90.000
#
_symmetry.space_group_name_H-M   'P 21 21 21'
#
loop_
_entity.id
_entity.type
_entity.pdbx_description
1 polymer 'Uridine diphosphate glucose pyrophosphatase NUDT22'
2 non-polymer 4-chloranyl-~{N}-methyl-pyridine-2-carboxamide
3 non-polymer 'DIMETHYL SULFOXIDE'
4 water water
#
_entity_poly.entity_id   1
_entity_poly.type   'polypeptide(L)'
_entity_poly.pdbx_seq_one_letter_code
;SMDPEVTLLLQCPGGGLPQEQIQAELSPAHDRRPLPGGDEAITAIWETRLKAQPWLFDAPKFRLHSATLAPIGSRGPQLL
LRLGLTSYRDFLGTNWSSSAAWLRQQGATDWGDTQAYLADPLGVGAALATADDFLVFLRRSRQVAEAPGLVDVPGGHPEP
QALCPGGSPQHQDLAGQLVVHELFSSVLQEICDEVNLPLLTLSQPLLLGIARNETSAGRASAEFYVQCSLTSEQVRKHYL
SGGPEAHESTGIFFVETQNVRRLPETEMWAELCPSAKGAIILYNRVQGSPTGAALGSPALLPPL
;
_entity_poly.pdbx_strand_id   A
#
# COMPACT_ATOMS: atom_id res chain seq x y z
N ASP A 3 -4.38 12.67 -12.01
N ASP A 3 -4.82 11.77 -12.31
CA ASP A 3 -3.44 12.14 -10.99
CA ASP A 3 -3.70 12.08 -11.39
C ASP A 3 -2.41 11.23 -11.65
C ASP A 3 -2.48 11.22 -11.76
N PRO A 4 -1.44 11.80 -12.40
CA PRO A 4 -0.43 10.98 -13.07
C PRO A 4 0.47 10.26 -12.07
N GLU A 5 0.47 10.57 -10.77
CA GLU A 5 1.45 9.87 -9.91
C GLU A 5 0.87 8.56 -9.35
N VAL A 6 -0.40 8.24 -9.59
CA VAL A 6 -1.01 6.94 -9.14
C VAL A 6 -1.80 6.27 -10.28
N THR A 7 -1.55 4.97 -10.51
CA THR A 7 -2.31 4.14 -11.48
C THR A 7 -2.92 2.93 -10.75
N LEU A 8 -4.15 2.55 -11.07
CA LEU A 8 -4.81 1.39 -10.43
C LEU A 8 -4.40 0.14 -11.19
N LEU A 9 -3.80 -0.84 -10.53
CA LEU A 9 -3.45 -2.14 -11.15
C LEU A 9 -4.62 -3.12 -10.97
N LEU A 10 -5.35 -3.04 -9.87
CA LEU A 10 -6.46 -3.99 -9.57
C LEU A 10 -7.54 -3.24 -8.78
N GLN A 11 -8.81 -3.37 -9.16
CA GLN A 11 -10.01 -3.01 -8.34
C GLN A 11 -10.76 -4.30 -7.96
N CYS A 12 -10.91 -4.60 -6.66
CA CYS A 12 -11.54 -5.87 -6.22
C CYS A 12 -13.05 -5.78 -6.37
N PRO A 13 -13.70 -6.93 -6.63
CA PRO A 13 -15.16 -7.02 -6.67
C PRO A 13 -15.80 -7.24 -5.28
N GLY A 14 -17.12 -7.16 -5.25
CA GLY A 14 -17.95 -7.49 -4.07
C GLY A 14 -17.72 -6.64 -2.84
N GLY A 15 -17.21 -5.42 -2.98
CA GLY A 15 -16.91 -4.53 -1.84
C GLY A 15 -15.53 -4.80 -1.25
N GLY A 16 -14.76 -5.72 -1.84
CA GLY A 16 -13.41 -6.09 -1.38
C GLY A 16 -13.32 -7.57 -1.04
N LEU A 17 -12.13 -8.14 -1.13
CA LEU A 17 -11.93 -9.61 -0.91
C LEU A 17 -11.38 -9.95 0.47
N PRO A 18 -12.00 -10.94 1.17
CA PRO A 18 -11.42 -11.49 2.39
C PRO A 18 -10.23 -12.43 2.11
N GLN A 19 -9.42 -12.69 3.14
CA GLN A 19 -8.19 -13.51 3.08
C GLN A 19 -8.49 -14.87 2.42
N GLU A 20 -9.65 -15.49 2.73
CA GLU A 20 -9.94 -16.90 2.36
C GLU A 20 -10.21 -16.99 0.85
N GLN A 21 -10.37 -15.87 0.15
CA GLN A 21 -10.67 -15.89 -1.31
C GLN A 21 -9.43 -15.56 -2.16
N ILE A 22 -8.23 -15.48 -1.57
CA ILE A 22 -7.01 -15.10 -2.31
C ILE A 22 -5.97 -16.23 -2.25
N GLN A 23 -5.37 -16.53 -3.41
CA GLN A 23 -4.23 -17.47 -3.60
C GLN A 23 -2.96 -16.67 -3.89
N ALA A 24 -1.80 -17.10 -3.40
CA ALA A 24 -0.51 -16.50 -3.82
C ALA A 24 0.34 -17.61 -4.45
N GLU A 25 1.12 -17.25 -5.45
CA GLU A 25 2.16 -18.11 -6.05
C GLU A 25 3.50 -17.38 -5.81
N LEU A 26 4.30 -17.88 -4.88
CA LEU A 26 5.64 -17.29 -4.55
C LEU A 26 6.69 -18.14 -5.28
N SER A 27 7.40 -17.56 -6.24
CA SER A 27 8.24 -18.27 -7.25
C SER A 27 9.44 -17.40 -7.65
N PRO A 28 10.65 -17.98 -7.78
CA PRO A 28 11.80 -17.22 -8.33
C PRO A 28 11.60 -16.77 -9.78
N ALA A 29 10.60 -17.32 -10.51
CA ALA A 29 10.20 -16.81 -11.85
C ALA A 29 9.64 -15.38 -11.74
N HIS A 30 9.21 -14.94 -10.54
CA HIS A 30 8.56 -13.62 -10.28
C HIS A 30 9.57 -12.60 -9.77
N ASP A 31 10.85 -12.97 -9.76
CA ASP A 31 11.92 -12.09 -9.21
C ASP A 31 12.30 -11.02 -10.23
N ARG A 32 12.97 -9.95 -9.77
CA ARG A 32 13.66 -8.99 -10.66
C ARG A 32 14.70 -9.74 -11.52
N ARG A 33 14.89 -9.30 -12.76
CA ARG A 33 15.96 -9.82 -13.65
C ARG A 33 17.27 -9.10 -13.28
N PRO A 34 18.42 -9.79 -13.34
CA PRO A 34 19.71 -9.13 -13.14
C PRO A 34 19.86 -7.93 -14.10
N LEU A 35 20.50 -6.84 -13.66
CA LEU A 35 20.73 -5.62 -14.49
C LEU A 35 21.61 -5.94 -15.69
N PRO A 36 21.38 -5.26 -16.85
CA PRO A 36 22.11 -5.51 -18.07
C PRO A 36 23.66 -5.57 -17.92
N GLY A 37 24.22 -4.62 -17.16
CA GLY A 37 25.68 -4.53 -16.92
C GLY A 37 26.06 -5.19 -15.61
N GLY A 38 25.12 -5.87 -14.97
CA GLY A 38 25.33 -6.70 -13.76
C GLY A 38 24.84 -5.97 -12.51
N ASP A 39 24.54 -6.74 -11.47
CA ASP A 39 24.04 -6.21 -10.16
C ASP A 39 25.14 -5.52 -9.32
N GLU A 40 26.41 -5.51 -9.79
CA GLU A 40 27.49 -4.70 -9.17
C GLU A 40 27.10 -3.23 -9.02
N ALA A 41 26.27 -2.65 -9.91
CA ALA A 41 25.80 -1.26 -9.78
C ALA A 41 24.96 -1.06 -8.48
N ILE A 42 24.18 -2.05 -8.08
CA ILE A 42 23.34 -2.00 -6.83
C ILE A 42 24.29 -2.06 -5.63
N THR A 43 25.19 -3.04 -5.63
CA THR A 43 26.25 -3.22 -4.62
C THR A 43 27.00 -1.90 -4.40
N ALA A 44 27.36 -1.16 -5.46
CA ALA A 44 28.16 0.09 -5.34
C ALA A 44 27.35 1.18 -4.61
N ILE A 45 26.06 1.34 -4.96
CA ILE A 45 25.16 2.34 -4.31
C ILE A 45 25.05 2.00 -2.82
N TRP A 46 24.93 0.71 -2.49
CA TRP A 46 24.71 0.24 -1.09
C TRP A 46 25.96 0.56 -0.27
N GLU A 47 27.15 0.21 -0.80
CA GLU A 47 28.46 0.50 -0.18
C GLU A 47 28.58 1.98 0.14
N THR A 48 28.26 2.86 -0.83
CA THR A 48 28.34 4.32 -0.65
C THR A 48 27.45 4.73 0.53
N ARG A 49 26.23 4.16 0.58
CA ARG A 49 25.22 4.49 1.61
C ARG A 49 25.72 4.04 2.99
N LEU A 50 26.19 2.80 3.16
CA LEU A 50 26.65 2.25 4.46
C LEU A 50 27.90 3.00 4.91
N LYS A 51 28.71 3.55 4.01
CA LYS A 51 29.95 4.24 4.45
C LYS A 51 29.64 5.63 5.00
N ALA A 52 28.41 6.13 4.80
CA ALA A 52 27.87 7.39 5.40
C ALA A 52 26.95 7.09 6.57
N GLN A 53 26.16 6.02 6.50
CA GLN A 53 25.16 5.64 7.52
C GLN A 53 25.35 4.16 7.89
N PRO A 54 26.40 3.81 8.67
CA PRO A 54 26.73 2.40 8.91
C PRO A 54 25.74 1.62 9.80
N TRP A 55 24.79 2.33 10.45
CA TRP A 55 23.69 1.73 11.28
C TRP A 55 22.54 1.21 10.40
N LEU A 56 22.52 1.50 9.10
CA LEU A 56 21.47 0.96 8.18
C LEU A 56 21.57 -0.57 8.09
N PHE A 57 20.45 -1.25 7.89
CA PHE A 57 20.45 -2.72 7.64
C PHE A 57 19.51 -3.04 6.47
N ASP A 58 19.88 -4.08 5.73
CA ASP A 58 19.05 -4.71 4.66
C ASP A 58 17.91 -5.50 5.33
N ALA A 59 16.86 -5.75 4.57
CA ALA A 59 15.74 -6.63 4.98
C ALA A 59 15.08 -7.19 3.71
N PRO A 60 14.60 -8.45 3.74
CA PRO A 60 13.88 -9.04 2.62
C PRO A 60 12.52 -8.36 2.52
N LYS A 61 11.94 -8.39 1.32
CA LYS A 61 10.62 -7.80 0.99
C LYS A 61 9.93 -8.70 -0.05
N PHE A 62 8.60 -8.67 -0.10
CA PHE A 62 7.84 -9.33 -1.21
C PHE A 62 7.94 -8.43 -2.46
N ARG A 63 8.10 -9.05 -3.63
CA ARG A 63 8.03 -8.38 -4.96
C ARG A 63 6.68 -8.70 -5.61
N LEU A 64 5.93 -7.68 -6.07
CA LEU A 64 4.74 -7.89 -6.94
C LEU A 64 5.19 -8.09 -8.39
N HIS A 65 4.89 -9.27 -8.97
CA HIS A 65 4.97 -9.48 -10.44
C HIS A 65 3.65 -9.10 -11.12
N SER A 66 2.53 -9.64 -10.65
CA SER A 66 1.21 -9.44 -11.30
C SER A 66 0.09 -9.99 -10.40
N ALA A 67 -1.17 -9.65 -10.73
CA ALA A 67 -2.35 -10.07 -9.95
C ALA A 67 -3.48 -10.32 -10.93
N THR A 68 -4.02 -11.53 -11.02
CA THR A 68 -5.08 -11.90 -12.00
C THR A 68 -6.40 -12.18 -11.24
N LEU A 69 -7.43 -11.39 -11.54
CA LEU A 69 -8.80 -11.61 -10.99
C LEU A 69 -9.52 -12.70 -11.79
N ALA A 70 -10.28 -13.55 -11.10
CA ALA A 70 -11.18 -14.54 -11.70
C ALA A 70 -12.31 -13.80 -12.43
N PRO A 71 -13.05 -14.48 -13.33
CA PRO A 71 -14.29 -13.95 -13.90
C PRO A 71 -15.27 -13.56 -12.77
N ILE A 72 -15.88 -12.37 -12.86
CA ILE A 72 -16.74 -11.84 -11.75
C ILE A 72 -17.96 -12.78 -11.59
N GLY A 73 -18.38 -12.94 -10.34
CA GLY A 73 -19.56 -13.75 -9.96
C GLY A 73 -19.27 -15.22 -9.82
N SER A 74 -18.00 -15.63 -9.96
CA SER A 74 -17.58 -17.06 -9.96
C SER A 74 -17.47 -17.56 -8.50
N ARG A 75 -17.52 -18.88 -8.35
CA ARG A 75 -17.25 -19.63 -7.12
C ARG A 75 -15.75 -19.91 -7.05
N GLY A 76 -15.25 -20.21 -5.85
CA GLY A 76 -13.84 -20.58 -5.66
C GLY A 76 -12.96 -19.33 -5.54
N PRO A 77 -11.63 -19.54 -5.45
CA PRO A 77 -10.68 -18.43 -5.29
C PRO A 77 -10.87 -17.34 -6.34
N GLN A 78 -10.82 -16.10 -5.89
CA GLN A 78 -11.19 -14.93 -6.74
C GLN A 78 -9.96 -14.17 -7.22
N LEU A 79 -8.79 -14.34 -6.60
CA LEU A 79 -7.58 -13.58 -6.99
C LEU A 79 -6.36 -14.50 -6.89
N LEU A 80 -5.44 -14.39 -7.86
CA LEU A 80 -4.08 -15.00 -7.80
C LEU A 80 -3.03 -13.89 -7.78
N LEU A 81 -2.26 -13.82 -6.72
CA LEU A 81 -1.11 -12.87 -6.57
C LEU A 81 0.15 -13.63 -6.94
N ARG A 82 0.85 -13.18 -7.98
CA ARG A 82 2.18 -13.70 -8.38
C ARG A 82 3.25 -12.85 -7.70
N LEU A 83 4.00 -13.47 -6.80
CA LEU A 83 4.97 -12.76 -5.92
C LEU A 83 6.37 -13.37 -6.08
N GLY A 84 7.39 -12.52 -6.01
CA GLY A 84 8.79 -12.92 -5.87
C GLY A 84 9.39 -12.38 -4.58
N LEU A 85 10.70 -12.41 -4.48
CA LEU A 85 11.42 -11.82 -3.32
C LEU A 85 12.38 -10.74 -3.82
N THR A 86 12.48 -9.66 -3.05
CA THR A 86 13.42 -8.53 -3.28
C THR A 86 13.97 -8.08 -1.91
N SER A 87 14.50 -6.87 -1.80
CA SER A 87 15.15 -6.40 -0.56
C SER A 87 15.13 -4.88 -0.55
N TYR A 88 15.36 -4.31 0.62
CA TYR A 88 15.50 -2.84 0.77
C TYR A 88 16.71 -2.38 -0.08
N ARG A 89 17.83 -3.12 -0.04
CA ARG A 89 19.07 -2.80 -0.82
C ARG A 89 18.76 -2.72 -2.32
N ASP A 90 17.99 -3.69 -2.84
CA ASP A 90 17.68 -3.75 -4.30
C ASP A 90 16.78 -2.56 -4.64
N PHE A 91 15.85 -2.23 -3.75
CA PHE A 91 14.99 -1.03 -3.90
C PHE A 91 15.87 0.23 -4.05
N LEU A 92 16.85 0.41 -3.17
CA LEU A 92 17.66 1.67 -3.14
C LEU A 92 18.45 1.77 -4.44
N GLY A 93 18.90 0.65 -4.99
CA GLY A 93 19.69 0.63 -6.26
C GLY A 93 18.85 0.61 -7.54
N THR A 94 17.52 0.53 -7.46
CA THR A 94 16.69 0.46 -8.70
C THR A 94 15.59 1.53 -8.65
N ASN A 95 14.45 1.26 -8.03
CA ASN A 95 13.33 2.24 -7.95
C ASN A 95 13.78 3.62 -7.45
N TRP A 96 14.66 3.68 -6.46
CA TRP A 96 15.07 4.95 -5.78
C TRP A 96 16.20 5.63 -6.57
N SER A 97 16.83 4.92 -7.51
CA SER A 97 18.00 5.42 -8.29
C SER A 97 17.61 6.61 -9.17
N SER A 98 18.56 7.51 -9.43
CA SER A 98 18.34 8.65 -10.37
C SER A 98 18.05 8.10 -11.78
N SER A 99 18.55 6.89 -12.09
N SER A 99 18.56 6.91 -12.11
CA SER A 99 18.47 6.24 -13.42
CA SER A 99 18.44 6.30 -13.47
C SER A 99 17.24 5.33 -13.57
C SER A 99 17.25 5.32 -13.56
N ALA A 100 16.30 5.37 -12.62
CA ALA A 100 15.14 4.41 -12.61
C ALA A 100 14.39 4.48 -13.96
N ALA A 101 14.22 5.67 -14.57
CA ALA A 101 13.51 5.76 -15.87
C ALA A 101 14.28 5.00 -16.96
N TRP A 102 15.61 5.08 -16.97
CA TRP A 102 16.45 4.32 -17.93
C TRP A 102 16.26 2.81 -17.76
N LEU A 103 16.17 2.33 -16.53
CA LEU A 103 15.93 0.89 -16.25
C LEU A 103 14.56 0.46 -16.79
N ARG A 104 13.54 1.30 -16.66
CA ARG A 104 12.16 1.03 -17.18
C ARG A 104 12.20 0.92 -18.72
N GLN A 105 12.90 1.83 -19.40
CA GLN A 105 13.01 1.79 -20.89
C GLN A 105 13.74 0.50 -21.33
N GLN A 106 14.82 0.12 -20.62
N GLN A 106 14.81 0.12 -20.61
CA GLN A 106 15.64 -1.07 -20.97
CA GLN A 106 15.65 -1.05 -20.93
C GLN A 106 14.80 -2.34 -20.74
C GLN A 106 14.84 -2.34 -20.72
N GLY A 107 13.98 -2.37 -19.69
CA GLY A 107 13.09 -3.52 -19.43
C GLY A 107 12.06 -3.67 -20.57
N ALA A 108 11.46 -2.58 -21.05
CA ALA A 108 10.58 -2.59 -22.23
C ALA A 108 11.30 -3.20 -23.45
N THR A 109 12.50 -2.71 -23.76
CA THR A 109 13.35 -3.20 -24.88
C THR A 109 13.65 -4.71 -24.75
N ASP A 110 14.18 -5.13 -23.62
CA ASP A 110 14.80 -6.47 -23.44
C ASP A 110 13.73 -7.53 -23.14
N TRP A 111 12.67 -7.21 -22.38
CA TRP A 111 11.76 -8.20 -21.79
C TRP A 111 10.29 -7.90 -22.13
N GLY A 112 9.99 -6.82 -22.85
CA GLY A 112 8.62 -6.28 -23.00
C GLY A 112 7.93 -6.06 -21.66
N ASP A 113 8.66 -5.53 -20.67
CA ASP A 113 8.19 -5.37 -19.25
C ASP A 113 8.92 -4.17 -18.62
N THR A 114 8.24 -3.03 -18.47
CA THR A 114 8.87 -1.79 -17.91
C THR A 114 9.43 -2.07 -16.49
N GLN A 115 8.90 -3.08 -15.77
CA GLN A 115 9.32 -3.38 -14.37
C GLN A 115 10.40 -4.48 -14.27
N ALA A 116 10.89 -5.06 -15.37
CA ALA A 116 11.71 -6.29 -15.35
C ALA A 116 12.98 -6.06 -14.50
N TYR A 117 13.54 -4.85 -14.54
CA TYR A 117 14.81 -4.51 -13.86
C TYR A 117 14.56 -3.73 -12.54
N LEU A 118 13.31 -3.69 -12.06
CA LEU A 118 12.98 -2.92 -10.82
C LEU A 118 12.69 -3.87 -9.63
N ALA A 119 13.20 -3.53 -8.45
CA ALA A 119 12.90 -4.27 -7.20
C ALA A 119 11.39 -4.42 -6.96
N ASP A 120 10.64 -3.32 -7.03
CA ASP A 120 9.16 -3.25 -6.91
C ASP A 120 8.71 -3.94 -5.62
N PRO A 121 9.22 -3.55 -4.44
CA PRO A 121 8.70 -4.13 -3.17
C PRO A 121 7.21 -3.83 -2.96
N LEU A 122 6.47 -4.83 -2.48
CA LEU A 122 5.01 -4.69 -2.22
C LEU A 122 4.80 -3.96 -0.89
N GLY A 123 4.09 -2.83 -0.95
CA GLY A 123 3.60 -2.11 0.25
C GLY A 123 2.20 -2.55 0.65
N VAL A 124 1.78 -2.23 1.88
CA VAL A 124 0.37 -2.37 2.36
C VAL A 124 -0.09 -1.02 2.96
N GLY A 125 -1.33 -0.64 2.72
CA GLY A 125 -1.95 0.58 3.30
C GLY A 125 -3.38 0.29 3.70
N ALA A 126 -3.98 1.09 4.59
CA ALA A 126 -5.36 0.91 5.05
C ALA A 126 -6.15 2.23 4.96
N ALA A 127 -7.36 2.15 4.41
CA ALA A 127 -8.50 3.02 4.74
C ALA A 127 -9.07 2.49 6.06
N LEU A 128 -8.72 3.16 7.16
CA LEU A 128 -9.09 2.74 8.53
C LEU A 128 -10.25 3.63 9.00
N ALA A 129 -11.45 3.05 9.18
CA ALA A 129 -12.67 3.82 9.50
C ALA A 129 -12.95 3.66 11.00
N THR A 130 -13.43 4.73 11.64
CA THR A 130 -13.81 4.74 13.08
C THR A 130 -15.29 4.36 13.24
N ALA A 131 -15.71 4.08 14.49
CA ALA A 131 -17.10 3.70 14.83
C ALA A 131 -18.05 4.85 14.51
N ASP A 132 -17.58 6.11 14.56
CA ASP A 132 -18.36 7.34 14.24
C ASP A 132 -18.15 7.87 12.80
N ASP A 133 -17.63 7.00 11.92
N ASP A 133 -17.58 7.05 11.91
CA ASP A 133 -17.59 7.15 10.43
CA ASP A 133 -17.66 7.25 10.44
C ASP A 133 -16.65 8.30 10.05
C ASP A 133 -16.63 8.28 9.97
N PHE A 134 -15.39 8.20 10.46
CA PHE A 134 -14.25 9.01 9.95
C PHE A 134 -13.21 8.03 9.40
N LEU A 135 -12.44 8.44 8.40
CA LEU A 135 -11.15 7.80 8.05
C LEU A 135 -9.97 8.49 8.75
N VAL A 136 -8.92 7.71 9.02
CA VAL A 136 -7.72 8.11 9.81
C VAL A 136 -6.59 8.52 8.88
N PHE A 137 -5.97 9.69 9.11
CA PHE A 137 -4.81 10.21 8.36
C PHE A 137 -3.65 10.54 9.32
N LEU A 138 -2.42 10.43 8.81
CA LEU A 138 -1.16 10.67 9.60
C LEU A 138 -0.30 11.67 8.84
N ARG A 139 0.39 12.56 9.55
CA ARG A 139 1.29 13.56 8.92
C ARG A 139 2.71 13.03 8.99
N ARG A 140 3.44 13.03 7.88
CA ARG A 140 4.85 12.53 7.82
C ARG A 140 5.79 13.64 8.31
N SER A 141 6.85 13.27 9.04
CA SER A 141 8.00 14.16 9.38
C SER A 141 8.49 14.90 8.13
N ARG A 142 8.90 16.16 8.29
CA ARG A 142 9.46 16.98 7.18
C ARG A 142 10.94 16.63 7.02
N GLN A 143 11.49 15.71 7.81
CA GLN A 143 12.94 15.39 7.83
C GLN A 143 13.25 13.98 7.29
N VAL A 144 12.27 13.27 6.71
CA VAL A 144 12.53 11.90 6.15
C VAL A 144 12.82 12.06 4.65
N ALA A 145 13.36 11.02 4.02
CA ALA A 145 13.85 11.04 2.62
C ALA A 145 12.67 10.97 1.65
N GLU A 146 11.67 10.14 1.94
CA GLU A 146 10.51 9.87 1.07
C GLU A 146 9.30 10.72 1.49
N ALA A 147 8.73 11.46 0.55
CA ALA A 147 7.46 12.20 0.73
C ALA A 147 7.51 13.00 2.04
N PRO A 148 8.56 13.81 2.32
CA PRO A 148 8.59 14.59 3.55
C PRO A 148 7.42 15.57 3.69
N GLY A 149 6.85 15.60 4.89
CA GLY A 149 5.82 16.58 5.26
C GLY A 149 4.48 16.29 4.61
N LEU A 150 4.33 15.13 3.94
CA LEU A 150 3.05 14.86 3.24
C LEU A 150 2.11 14.07 4.19
N VAL A 151 0.84 14.00 3.82
CA VAL A 151 -0.20 13.20 4.53
C VAL A 151 -0.11 11.73 4.06
N ASP A 152 -0.23 10.78 4.97
CA ASP A 152 -0.22 9.33 4.66
C ASP A 152 -1.43 8.66 5.32
N VAL A 153 -1.64 7.39 5.02
CA VAL A 153 -2.58 6.51 5.78
C VAL A 153 -1.72 5.47 6.48
N PRO A 154 -2.24 4.69 7.47
CA PRO A 154 -1.42 3.65 8.12
C PRO A 154 -0.94 2.58 7.11
N GLY A 155 0.28 2.09 7.30
CA GLY A 155 0.78 0.98 6.46
C GLY A 155 2.28 0.84 6.56
N GLY A 156 2.87 0.03 5.68
CA GLY A 156 4.32 -0.25 5.67
C GLY A 156 4.69 -1.23 4.57
N HIS A 157 5.87 -1.84 4.64
CA HIS A 157 6.41 -2.75 3.59
C HIS A 157 6.75 -4.07 4.27
N PRO A 158 5.87 -5.10 4.26
CA PRO A 158 6.07 -6.30 5.07
C PRO A 158 7.33 -7.08 4.66
N GLU A 159 7.99 -7.64 5.68
CA GLU A 159 9.18 -8.52 5.58
C GLU A 159 8.73 -9.97 5.69
N PRO A 160 8.99 -10.83 4.67
CA PRO A 160 8.77 -12.27 4.76
C PRO A 160 9.30 -12.97 6.05
N GLN A 161 8.55 -13.96 6.55
CA GLN A 161 8.73 -14.72 7.83
C GLN A 161 9.61 -13.96 8.81
N ASP A 173 -0.62 -23.19 -3.64
CA ASP A 173 -1.14 -22.42 -2.49
C ASP A 173 -0.63 -23.06 -1.18
N LEU A 174 0.41 -23.90 -1.19
CA LEU A 174 0.77 -24.66 0.04
C LEU A 174 1.93 -24.04 0.81
N ALA A 175 2.67 -23.10 0.24
CA ALA A 175 3.30 -22.00 1.03
C ALA A 175 2.55 -20.68 0.75
N GLY A 176 1.74 -20.63 -0.35
CA GLY A 176 0.83 -19.53 -0.79
C GLY A 176 -0.07 -19.01 0.33
N GLN A 177 -0.74 -19.88 1.07
CA GLN A 177 -1.76 -19.45 2.06
C GLN A 177 -1.06 -18.80 3.26
N LEU A 178 0.19 -19.18 3.56
CA LEU A 178 0.94 -18.57 4.69
C LEU A 178 1.37 -17.17 4.26
N VAL A 179 1.66 -16.98 2.98
CA VAL A 179 2.06 -15.66 2.44
C VAL A 179 0.85 -14.72 2.48
N VAL A 180 -0.33 -15.15 2.04
CA VAL A 180 -1.55 -14.30 2.12
C VAL A 180 -1.81 -13.95 3.59
N HIS A 181 -1.69 -14.92 4.51
CA HIS A 181 -1.88 -14.66 5.96
C HIS A 181 -0.92 -13.57 6.45
N GLU A 182 0.36 -13.62 6.05
N GLU A 182 0.34 -13.64 6.01
CA GLU A 182 1.35 -12.60 6.52
CA GLU A 182 1.41 -12.67 6.40
C GLU A 182 0.97 -11.23 5.94
C GLU A 182 1.02 -11.27 5.92
N LEU A 183 0.46 -11.16 4.71
CA LEU A 183 0.04 -9.83 4.14
C LEU A 183 -1.13 -9.24 4.96
N PHE A 184 -2.19 -10.00 5.24
CA PHE A 184 -3.35 -9.53 6.02
C PHE A 184 -2.93 -9.19 7.48
N SER A 185 -2.10 -10.05 8.09
N SER A 185 -2.08 -10.02 8.10
CA SER A 185 -1.54 -9.83 9.45
CA SER A 185 -1.61 -9.80 9.49
C SER A 185 -0.75 -8.52 9.50
C SER A 185 -0.69 -8.55 9.55
N SER A 186 0.07 -8.25 8.48
CA SER A 186 1.01 -7.11 8.48
C SER A 186 0.23 -5.77 8.46
N VAL A 187 -0.91 -5.66 7.79
CA VAL A 187 -1.65 -4.36 7.81
C VAL A 187 -2.25 -4.09 9.22
N LEU A 188 -2.73 -5.12 9.94
CA LEU A 188 -3.19 -4.98 11.36
C LEU A 188 -1.99 -4.61 12.26
N GLN A 189 -0.86 -5.31 12.10
CA GLN A 189 0.35 -5.05 12.90
C GLN A 189 0.76 -3.60 12.70
N GLU A 190 0.77 -3.08 11.47
CA GLU A 190 1.19 -1.70 11.15
C GLU A 190 0.22 -0.70 11.81
N ILE A 191 -1.07 -1.03 11.93
CA ILE A 191 -2.05 -0.15 12.63
C ILE A 191 -1.75 -0.17 14.14
N CYS A 192 -1.61 -1.34 14.79
CA CYS A 192 -1.23 -1.46 16.22
C CYS A 192 0.11 -0.74 16.52
N ASP A 193 1.14 -0.90 15.70
CA ASP A 193 2.46 -0.28 15.97
C ASP A 193 2.42 1.26 15.85
N GLU A 194 1.76 1.83 14.84
CA GLU A 194 1.82 3.28 14.56
C GLU A 194 0.66 4.04 15.24
N VAL A 195 -0.58 3.51 15.25
CA VAL A 195 -1.76 4.22 15.80
C VAL A 195 -1.93 3.83 17.28
N ASN A 196 -1.29 2.74 17.72
CA ASN A 196 -1.29 2.30 19.14
C ASN A 196 -2.70 1.82 19.53
N LEU A 197 -3.44 1.23 18.60
CA LEU A 197 -4.77 0.61 18.85
C LEU A 197 -4.61 -0.83 19.30
N PRO A 198 -5.48 -1.29 20.24
CA PRO A 198 -5.54 -2.70 20.60
C PRO A 198 -6.03 -3.52 19.38
N LEU A 199 -5.45 -4.70 19.17
CA LEU A 199 -5.74 -5.63 18.03
C LEU A 199 -7.21 -6.02 18.08
N LEU A 200 -7.76 -6.20 19.29
CA LEU A 200 -9.19 -6.59 19.43
C LEU A 200 -10.16 -5.47 19.08
N THR A 201 -9.74 -4.24 18.77
CA THR A 201 -10.66 -3.19 18.27
C THR A 201 -10.73 -3.19 16.73
N LEU A 202 -9.99 -4.06 16.02
CA LEU A 202 -9.89 -4.09 14.52
C LEU A 202 -10.68 -5.27 13.91
N SER A 203 -11.41 -5.02 12.81
CA SER A 203 -12.04 -6.04 11.92
C SER A 203 -10.96 -6.82 11.17
N GLN A 204 -11.30 -8.00 10.66
CA GLN A 204 -10.46 -8.66 9.64
C GLN A 204 -10.43 -7.74 8.42
N PRO A 205 -9.24 -7.50 7.82
CA PRO A 205 -9.19 -6.63 6.64
C PRO A 205 -9.89 -7.20 5.39
N LEU A 206 -10.36 -6.30 4.50
CA LEU A 206 -10.77 -6.65 3.12
C LEU A 206 -9.80 -5.98 2.14
N LEU A 207 -9.32 -6.74 1.16
CA LEU A 207 -8.45 -6.17 0.09
C LEU A 207 -9.34 -5.36 -0.86
N LEU A 208 -9.07 -4.04 -0.99
CA LEU A 208 -9.81 -3.18 -1.96
C LEU A 208 -9.21 -3.27 -3.37
N GLY A 209 -7.87 -3.34 -3.48
CA GLY A 209 -7.19 -3.32 -4.78
C GLY A 209 -5.70 -3.12 -4.62
N ILE A 210 -5.04 -2.81 -5.72
CA ILE A 210 -3.59 -2.54 -5.77
C ILE A 210 -3.39 -1.25 -6.57
N ALA A 211 -2.55 -0.34 -6.04
CA ALA A 211 -2.23 0.95 -6.67
C ALA A 211 -0.72 1.02 -6.90
N ARG A 212 -0.31 1.67 -8.00
CA ARG A 212 1.13 1.90 -8.32
C ARG A 212 1.49 3.38 -8.11
N ASN A 213 2.69 3.63 -7.60
CA ASN A 213 3.33 4.95 -7.32
C ASN A 213 4.25 5.23 -8.50
N GLU A 214 3.80 6.02 -9.46
CA GLU A 214 4.60 6.39 -10.66
C GLU A 214 5.75 7.33 -10.29
N THR A 215 5.72 7.99 -9.13
CA THR A 215 6.84 8.84 -8.66
C THR A 215 7.99 7.97 -8.13
N SER A 216 7.72 6.71 -7.79
CA SER A 216 8.76 5.76 -7.32
C SER A 216 8.90 4.61 -8.36
N ALA A 217 8.86 4.93 -9.66
CA ALA A 217 9.12 4.03 -10.81
C ALA A 217 8.15 2.84 -10.83
N GLY A 218 6.94 3.03 -10.32
CA GLY A 218 5.87 2.03 -10.52
C GLY A 218 5.78 0.99 -9.43
N ARG A 219 6.42 1.19 -8.26
CA ARG A 219 6.22 0.22 -7.16
C ARG A 219 4.77 0.28 -6.61
N ALA A 220 4.25 -0.89 -6.23
CA ALA A 220 2.80 -1.14 -5.97
C ALA A 220 2.54 -1.34 -4.47
N SER A 221 1.35 -0.97 -4.02
CA SER A 221 0.86 -1.19 -2.64
C SER A 221 -0.52 -1.84 -2.70
N ALA A 222 -0.70 -2.92 -1.94
CA ALA A 222 -2.01 -3.51 -1.64
C ALA A 222 -2.77 -2.59 -0.67
N GLU A 223 -3.99 -2.15 -1.02
CA GLU A 223 -4.79 -1.23 -0.19
C GLU A 223 -6.01 -1.98 0.40
N PHE A 224 -6.16 -1.89 1.73
CA PHE A 224 -7.17 -2.65 2.51
C PHE A 224 -8.18 -1.69 3.18
N TYR A 225 -9.37 -2.19 3.51
CA TYR A 225 -10.39 -1.53 4.36
C TYR A 225 -10.36 -2.23 5.71
N VAL A 226 -10.22 -1.47 6.78
CA VAL A 226 -10.26 -1.99 8.18
C VAL A 226 -11.20 -1.09 8.98
N GLN A 227 -12.11 -1.71 9.73
N GLN A 227 -12.16 -1.70 9.69
CA GLN A 227 -13.07 -1.02 10.62
CA GLN A 227 -13.08 -0.99 10.62
C GLN A 227 -12.56 -1.11 12.06
C GLN A 227 -12.53 -1.09 12.05
N CYS A 228 -12.62 0.00 12.81
CA CYS A 228 -12.27 0.05 14.24
C CYS A 228 -13.55 0.27 15.04
N SER A 229 -13.69 -0.39 16.20
CA SER A 229 -14.87 -0.28 17.10
C SER A 229 -14.75 0.97 18.00
N LEU A 230 -13.63 1.69 17.96
CA LEU A 230 -13.47 2.95 18.74
C LEU A 230 -13.91 4.16 17.88
N THR A 231 -14.36 5.22 18.55
CA THR A 231 -14.64 6.54 17.94
C THR A 231 -13.33 7.30 17.66
N SER A 232 -13.41 8.29 16.78
CA SER A 232 -12.29 9.22 16.45
C SER A 232 -11.62 9.74 17.73
N GLU A 233 -12.42 10.17 18.73
CA GLU A 233 -11.84 10.76 19.97
C GLU A 233 -11.00 9.70 20.70
N GLN A 234 -11.50 8.47 20.77
CA GLN A 234 -10.82 7.34 21.46
C GLN A 234 -9.56 6.94 20.66
N VAL A 235 -9.62 6.90 19.31
CA VAL A 235 -8.43 6.60 18.45
C VAL A 235 -7.32 7.62 18.71
N ARG A 236 -7.67 8.91 18.73
CA ARG A 236 -6.76 10.05 19.03
C ARG A 236 -6.08 9.82 20.39
N LYS A 237 -6.87 9.47 21.42
CA LYS A 237 -6.33 9.28 22.80
C LYS A 237 -5.26 8.17 22.75
N HIS A 238 -5.55 7.06 22.07
CA HIS A 238 -4.62 5.90 22.01
C HIS A 238 -3.32 6.32 21.30
N TYR A 239 -3.42 6.97 20.14
CA TYR A 239 -2.27 7.49 19.37
C TYR A 239 -1.42 8.40 20.29
N LEU A 240 -2.03 9.41 20.93
CA LEU A 240 -1.25 10.45 21.68
C LEU A 240 -0.65 9.84 22.96
N SER A 241 -1.29 8.85 23.57
CA SER A 241 -0.91 8.27 24.89
C SER A 241 0.38 7.46 24.76
N GLY A 242 0.82 7.17 23.54
CA GLY A 242 2.13 6.53 23.30
C GLY A 242 3.29 7.51 23.46
N GLY A 243 3.07 8.79 23.21
CA GLY A 243 4.14 9.82 23.30
C GLY A 243 4.93 9.89 22.00
N PRO A 244 5.80 10.90 21.81
CA PRO A 244 6.44 11.13 20.52
C PRO A 244 7.28 9.95 19.98
N GLU A 245 7.81 9.08 20.86
CA GLU A 245 8.66 7.91 20.49
C GLU A 245 7.81 6.70 20.08
N ALA A 246 6.49 6.69 20.31
CA ALA A 246 5.64 5.53 19.99
C ALA A 246 5.20 5.56 18.51
N HIS A 247 5.51 6.61 17.74
CA HIS A 247 5.06 6.72 16.32
C HIS A 247 6.10 7.45 15.46
N GLU A 248 6.18 7.12 14.17
CA GLU A 248 7.08 7.78 13.20
C GLU A 248 6.43 9.07 12.66
N SER A 249 5.09 9.09 12.58
CA SER A 249 4.33 10.27 12.13
C SER A 249 4.43 11.39 13.19
N THR A 250 4.03 12.62 12.85
CA THR A 250 4.10 13.80 13.77
C THR A 250 2.70 14.29 14.18
N GLY A 251 1.66 13.64 13.69
CA GLY A 251 0.27 14.07 13.97
C GLY A 251 -0.72 13.08 13.38
N ILE A 252 -1.94 13.04 13.94
CA ILE A 252 -3.10 12.23 13.46
C ILE A 252 -4.25 13.20 13.22
N PHE A 253 -5.09 12.94 12.22
CA PHE A 253 -6.34 13.70 12.02
C PHE A 253 -7.35 12.85 11.27
N PHE A 254 -8.59 13.34 11.19
CA PHE A 254 -9.77 12.53 10.80
C PHE A 254 -10.62 13.32 9.78
N VAL A 255 -11.14 12.63 8.76
CA VAL A 255 -12.08 13.24 7.75
C VAL A 255 -13.36 12.39 7.71
N GLU A 256 -14.54 13.00 7.80
CA GLU A 256 -15.84 12.28 7.72
C GLU A 256 -15.88 11.48 6.41
N THR A 257 -16.36 10.22 6.44
CA THR A 257 -16.50 9.40 5.22
C THR A 257 -17.39 10.16 4.24
N GLN A 258 -18.34 10.97 4.75
CA GLN A 258 -19.18 11.83 3.87
C GLN A 258 -18.29 12.70 2.96
N ASN A 259 -17.21 13.26 3.50
CA ASN A 259 -16.34 14.27 2.80
C ASN A 259 -15.18 13.60 2.03
N VAL A 260 -14.90 12.31 2.26
CA VAL A 260 -13.86 11.55 1.50
C VAL A 260 -14.28 11.47 0.03
N ARG A 261 -15.58 11.31 -0.23
CA ARG A 261 -16.15 11.30 -1.60
C ARG A 261 -15.54 12.41 -2.46
N ARG A 262 -15.41 13.64 -1.96
CA ARG A 262 -14.96 14.80 -2.81
C ARG A 262 -13.53 15.20 -2.45
N LEU A 263 -12.77 14.36 -1.74
CA LEU A 263 -11.38 14.76 -1.34
C LEU A 263 -10.52 15.18 -2.54
N PRO A 264 -10.60 14.55 -3.73
CA PRO A 264 -9.76 14.96 -4.88
C PRO A 264 -10.01 16.41 -5.34
N GLU A 265 -11.07 17.03 -4.86
CA GLU A 265 -11.43 18.43 -5.22
C GLU A 265 -10.95 19.42 -4.13
N THR A 266 -10.37 18.93 -3.03
CA THR A 266 -9.95 19.77 -1.88
C THR A 266 -8.46 20.12 -1.96
N GLU A 267 -8.03 21.12 -1.17
CA GLU A 267 -6.59 21.49 -1.05
C GLU A 267 -5.79 20.38 -0.36
N MET A 268 -6.43 19.47 0.38
CA MET A 268 -5.73 18.34 1.05
C MET A 268 -5.11 17.42 -0.03
N TRP A 269 -5.78 17.26 -1.18
CA TRP A 269 -5.34 16.28 -2.22
C TRP A 269 -3.87 16.52 -2.61
N ALA A 270 -3.46 17.79 -2.79
CA ALA A 270 -2.08 18.15 -3.18
C ALA A 270 -1.08 17.78 -2.08
N GLU A 271 -1.55 17.49 -0.86
CA GLU A 271 -0.65 17.14 0.26
C GLU A 271 -0.58 15.62 0.49
N LEU A 272 -1.39 14.80 -0.19
CA LEU A 272 -1.40 13.33 0.02
C LEU A 272 -0.26 12.66 -0.76
N CYS A 273 0.51 11.79 -0.13
CA CYS A 273 1.49 10.95 -0.86
C CYS A 273 0.76 9.96 -1.78
N PRO A 274 1.40 9.55 -2.90
CA PRO A 274 0.76 8.68 -3.91
C PRO A 274 0.05 7.42 -3.40
N SER A 275 0.63 6.74 -2.41
CA SER A 275 0.07 5.45 -1.92
C SER A 275 -1.19 5.73 -1.10
N ALA A 276 -1.23 6.84 -0.34
CA ALA A 276 -2.46 7.33 0.34
C ALA A 276 -3.52 7.74 -0.69
N LYS A 277 -3.15 8.44 -1.77
CA LYS A 277 -4.13 8.71 -2.87
C LYS A 277 -4.72 7.39 -3.42
N GLY A 278 -3.90 6.34 -3.58
CA GLY A 278 -4.39 5.04 -4.06
C GLY A 278 -5.43 4.45 -3.11
N ALA A 279 -5.16 4.50 -1.81
CA ALA A 279 -6.08 4.01 -0.77
C ALA A 279 -7.41 4.76 -0.84
N ILE A 280 -7.41 6.07 -1.00
CA ILE A 280 -8.68 6.84 -1.00
C ILE A 280 -9.46 6.61 -2.30
N ILE A 281 -8.80 6.59 -3.46
CA ILE A 281 -9.47 6.27 -4.76
C ILE A 281 -10.16 4.89 -4.65
N LEU A 282 -9.44 3.87 -4.16
CA LEU A 282 -10.02 2.49 -4.05
C LEU A 282 -11.15 2.45 -3.01
N TYR A 283 -11.02 3.14 -1.87
CA TYR A 283 -12.13 3.27 -0.88
C TYR A 283 -13.36 3.84 -1.58
N ASN A 284 -13.19 4.96 -2.27
CA ASN A 284 -14.33 5.63 -2.97
C ASN A 284 -14.95 4.68 -4.03
N ARG A 285 -14.18 3.90 -4.78
CA ARG A 285 -14.73 3.07 -5.87
C ARG A 285 -15.36 1.78 -5.35
N VAL A 286 -14.74 1.18 -4.32
CA VAL A 286 -15.09 -0.20 -3.89
C VAL A 286 -16.01 -0.20 -2.66
N GLN A 287 -15.76 0.62 -1.63
CA GLN A 287 -16.68 0.74 -0.46
C GLN A 287 -17.74 1.85 -0.69
N GLY A 288 -17.37 3.04 -1.14
CA GLY A 288 -18.35 4.06 -1.60
C GLY A 288 -19.03 3.60 -2.88
N SER A 289 -19.58 4.52 -3.68
CA SER A 289 -20.27 4.25 -4.99
C SER A 289 -21.27 3.10 -4.81
N PRO A 290 -22.45 3.36 -4.20
CA PRO A 290 -23.46 2.32 -4.00
C PRO A 290 -24.04 1.85 -5.35
N THR A 291 -24.54 0.60 -5.41
CA THR A 291 -25.06 -0.04 -6.64
C THR A 291 -26.59 -0.20 -6.56
N GLY A 292 -27.19 -0.21 -5.37
CA GLY A 292 -28.61 -0.56 -5.18
C GLY A 292 -29.51 0.67 -5.09
N ALA A 293 -30.83 0.46 -5.12
CA ALA A 293 -31.89 1.52 -5.15
C ALA A 293 -31.89 2.35 -3.86
N ALA A 294 -31.80 1.73 -2.68
CA ALA A 294 -31.79 2.42 -1.37
C ALA A 294 -30.63 3.42 -1.25
N LEU A 295 -29.36 2.99 -1.30
CA LEU A 295 -28.19 3.90 -1.05
C LEU A 295 -27.96 4.84 -2.25
N GLY A 296 -28.47 4.47 -3.42
CA GLY A 296 -28.35 5.24 -4.68
C GLY A 296 -29.44 6.30 -4.81
N SER A 297 -30.44 6.32 -3.93
CA SER A 297 -31.52 7.36 -3.88
C SER A 297 -30.90 8.76 -3.67
N PRO A 298 -31.42 9.85 -4.30
CA PRO A 298 -30.79 11.19 -4.22
C PRO A 298 -30.53 11.79 -2.82
N ALA A 299 -31.40 11.52 -1.83
CA ALA A 299 -31.22 12.08 -0.45
C ALA A 299 -30.01 11.42 0.21
N LEU A 300 -29.70 10.15 -0.14
CA LEU A 300 -28.54 9.42 0.45
C LEU A 300 -27.28 9.54 -0.44
N LEU A 301 -27.44 9.73 -1.76
CA LEU A 301 -26.29 9.93 -2.70
C LEU A 301 -26.49 11.26 -3.41
N PRO A 302 -26.11 12.38 -2.75
CA PRO A 302 -26.36 13.71 -3.30
C PRO A 302 -25.71 13.88 -4.67
N PRO A 303 -26.43 14.42 -5.70
CA PRO A 303 -25.83 14.70 -7.00
C PRO A 303 -24.69 15.74 -6.98
N LEU A 304 -23.58 15.45 -7.66
CA LEU A 304 -22.49 16.40 -8.03
C LEU A 304 -21.33 16.31 -7.03
#